data_8Y2G
#
_entry.id   8Y2G
#
_cell.length_a   1.00
_cell.length_b   1.00
_cell.length_c   1.00
_cell.angle_alpha   90.00
_cell.angle_beta   90.00
_cell.angle_gamma   90.00
#
_symmetry.space_group_name_H-M   'P 1'
#
loop_
_entity.id
_entity.type
_entity.pdbx_description
1 polymer 'Sodium-dependent dopamine transporter'
2 non-polymer Dexmethylphenidate
3 non-polymer 2-acetamido-2-deoxy-beta-D-glucopyranose
4 non-polymer 'CHLORIDE ION'
5 non-polymer 'SODIUM ION'
#
_entity_poly.entity_id   1
_entity_poly.type   'polypeptide(L)'
_entity_poly.pdbx_seq_one_letter_code
;DRETWGKKVDFLLSVIGFAVDLANVWRFPYLCYKNGGGAFLVPYLLFMVIAGMPLFYMELALGQFNREGAAGVWKICPIL
KGVGFTVILISLYVGFFYNVIIAWALHYLFSSFTTELPWIHCNNSWNSPNCSDAHPGDSSGDSSGLNDTFGTTPAAEYFE
RGVLHLHQSHGIDDLGPPRWQLTACLVLVIVLLYFSLWKGVKTSGKVVWITATMPYVVLTALLLRGVTLPGAIDGIRAYL
SVDFYRLCEASVWIDAATQVCFSLGVGFGVLIAFSSYNKFTNNCYRDAIVTTSINSLTSFSSGFVVFSFLGYMAQKHSVP
IGDVAKDGPGLIFIIYPEAIATLPLSSAWAVVFFIMLLTLGIDSAMGGMESVITGLIDEFQLLHRHRELFTLFIVLATFL
LSLFCVTNGGIYVFTLLDHFAAGTSILFGVLIEAIGVAWFYGVGQFSDDIQQMTGQRPSLYWRLCWKLVSPCFLLFVVVV
SIVTFRPPHYGAYIFPDWANALGWVIATSSMAMVPIYAAYKFCSLPGSFREKLAYAIAPEKDRELVDRGEVRQFTLRHWL
KV
;
_entity_poly.pdbx_strand_id   A
#
# COMPACT_ATOMS: atom_id res chain seq x y z
N ASP A 1 -28.17 -9.86 -6.32
CA ASP A 1 -28.15 -9.62 -4.87
C ASP A 1 -26.73 -9.61 -4.29
N ARG A 2 -25.86 -8.79 -4.87
CA ARG A 2 -24.46 -8.73 -4.48
C ARG A 2 -24.17 -7.62 -3.47
N GLU A 3 -25.21 -7.06 -2.86
CA GLU A 3 -25.07 -6.11 -1.74
C GLU A 3 -24.25 -4.88 -2.16
N THR A 4 -24.85 -4.10 -3.06
CA THR A 4 -24.25 -2.85 -3.50
C THR A 4 -24.07 -1.89 -2.33
N TRP A 5 -23.30 -0.83 -2.58
CA TRP A 5 -23.03 0.17 -1.55
C TRP A 5 -24.32 0.87 -1.14
N GLY A 6 -24.38 1.25 0.14
CA GLY A 6 -25.54 2.01 0.61
C GLY A 6 -25.64 3.37 -0.04
N LYS A 7 -24.53 4.10 -0.10
CA LYS A 7 -24.46 5.38 -0.77
C LYS A 7 -23.18 5.44 -1.59
N LYS A 8 -23.15 6.37 -2.55
CA LYS A 8 -21.97 6.47 -3.40
C LYS A 8 -20.78 7.08 -2.66
N VAL A 9 -21.04 7.93 -1.67
CA VAL A 9 -19.97 8.53 -0.90
C VAL A 9 -19.25 7.48 -0.04
N ASP A 10 -19.88 6.33 0.18
CA ASP A 10 -19.20 5.25 0.90
C ASP A 10 -18.06 4.66 0.09
N PHE A 11 -18.22 4.56 -1.22
CA PHE A 11 -17.19 3.99 -2.08
C PHE A 11 -15.98 4.92 -2.17
N LEU A 12 -16.23 6.20 -2.45
CA LEU A 12 -15.13 7.16 -2.60
C LEU A 12 -14.34 7.30 -1.31
N LEU A 13 -15.04 7.36 -0.17
CA LEU A 13 -14.35 7.47 1.11
C LEU A 13 -13.52 6.23 1.41
N SER A 14 -14.05 5.05 1.07
CA SER A 14 -13.29 3.82 1.28
C SER A 14 -12.02 3.81 0.44
N VAL A 15 -12.12 4.19 -0.83
CA VAL A 15 -10.95 4.20 -1.71
C VAL A 15 -9.93 5.22 -1.21
N ILE A 16 -10.38 6.41 -0.82
CA ILE A 16 -9.47 7.44 -0.33
C ILE A 16 -8.79 6.99 0.95
N GLY A 17 -9.55 6.38 1.86
CA GLY A 17 -8.96 5.90 3.09
C GLY A 17 -7.92 4.82 2.87
N PHE A 18 -8.19 3.88 1.96
CA PHE A 18 -7.20 2.86 1.66
C PHE A 18 -5.96 3.48 1.02
N ALA A 19 -6.14 4.42 0.09
CA ALA A 19 -4.99 4.99 -0.62
C ALA A 19 -4.08 5.78 0.32
N VAL A 20 -4.67 6.59 1.20
CA VAL A 20 -3.90 7.43 2.10
C VAL A 20 -3.51 6.60 3.32
N ASP A 21 -2.23 6.23 3.40
CA ASP A 21 -1.71 5.41 4.49
C ASP A 21 -0.61 6.18 5.23
N LEU A 22 0.08 5.47 6.13
CA LEU A 22 1.12 6.11 6.93
C LEU A 22 2.28 6.60 6.07
N ALA A 23 2.67 5.81 5.07
CA ALA A 23 3.79 6.19 4.20
C ALA A 23 3.45 7.31 3.24
N ASN A 24 2.17 7.69 3.13
CA ASN A 24 1.78 8.74 2.20
C ASN A 24 2.30 10.10 2.62
N VAL A 25 2.41 10.36 3.93
CA VAL A 25 2.63 11.72 4.42
C VAL A 25 4.10 12.03 4.68
N TRP A 26 5.01 11.08 4.50
CA TRP A 26 6.41 11.36 4.76
C TRP A 26 7.32 10.96 3.61
N ARG A 27 6.93 9.96 2.83
CA ARG A 27 7.80 9.47 1.76
C ARG A 27 7.94 10.50 0.64
N PHE A 28 6.81 11.04 0.17
CA PHE A 28 6.86 11.96 -0.96
C PHE A 28 7.60 13.26 -0.66
N PRO A 29 7.37 13.94 0.48
CA PRO A 29 8.19 15.14 0.76
C PRO A 29 9.67 14.84 0.86
N TYR A 30 10.06 13.70 1.44
CA TYR A 30 11.47 13.35 1.53
C TYR A 30 12.06 13.10 0.15
N LEU A 31 11.32 12.40 -0.71
CA LEU A 31 11.78 12.16 -2.07
C LEU A 31 11.93 13.47 -2.83
N CYS A 32 10.99 14.40 -2.64
CA CYS A 32 11.11 15.70 -3.28
C CYS A 32 12.34 16.45 -2.78
N TYR A 33 12.58 16.42 -1.46
CA TYR A 33 13.74 17.11 -0.91
C TYR A 33 15.05 16.53 -1.43
N LYS A 34 15.13 15.21 -1.53
CA LYS A 34 16.37 14.58 -1.98
C LYS A 34 16.66 14.88 -3.44
N ASN A 35 15.67 14.71 -4.30
CA ASN A 35 15.85 14.84 -5.75
C ASN A 35 15.42 16.22 -6.25
N GLY A 36 16.13 17.24 -5.79
CA GLY A 36 15.88 18.59 -6.24
C GLY A 36 14.78 19.32 -5.49
N GLY A 37 13.53 18.95 -5.75
CA GLY A 37 12.40 19.63 -5.15
C GLY A 37 11.84 20.71 -6.05
N GLY A 38 10.60 20.56 -6.47
CA GLY A 38 10.04 21.45 -7.48
C GLY A 38 10.32 20.97 -8.88
N ALA A 39 11.60 20.70 -9.17
CA ALA A 39 11.97 20.06 -10.43
C ALA A 39 11.64 18.57 -10.44
N PHE A 40 11.53 17.95 -9.26
CA PHE A 40 11.16 16.54 -9.19
C PHE A 40 9.72 16.31 -9.64
N LEU A 41 8.90 17.36 -9.72
CA LEU A 41 7.52 17.20 -10.11
C LEU A 41 7.36 16.91 -11.60
N VAL A 42 8.36 17.20 -12.42
CA VAL A 42 8.26 16.98 -13.85
C VAL A 42 8.27 15.49 -14.18
N PRO A 43 9.29 14.71 -13.77
CA PRO A 43 9.22 13.27 -14.02
C PRO A 43 8.03 12.61 -13.36
N TYR A 44 7.68 13.04 -12.15
CA TYR A 44 6.54 12.47 -11.45
C TYR A 44 5.26 12.69 -12.23
N LEU A 45 5.03 13.92 -12.69
CA LEU A 45 3.81 14.22 -13.44
C LEU A 45 3.78 13.47 -14.77
N LEU A 46 4.91 13.41 -15.47
CA LEU A 46 4.94 12.70 -16.75
C LEU A 46 4.64 11.22 -16.59
N PHE A 47 5.36 10.57 -15.67
CA PHE A 47 5.15 9.14 -15.45
C PHE A 47 3.73 8.88 -14.93
N MET A 48 3.22 9.77 -14.08
CA MET A 48 1.86 9.59 -13.57
C MET A 48 0.85 9.66 -14.70
N VAL A 49 0.93 10.70 -15.52
CA VAL A 49 -0.02 10.88 -16.63
C VAL A 49 0.03 9.68 -17.57
N ILE A 50 1.23 9.18 -17.88
CA ILE A 50 1.30 8.12 -18.89
C ILE A 50 1.12 6.70 -18.34
N ALA A 51 1.26 6.49 -17.03
CA ALA A 51 1.13 5.14 -16.49
C ALA A 51 0.07 5.00 -15.41
N GLY A 52 0.04 5.90 -14.42
CA GLY A 52 -0.75 5.63 -13.23
C GLY A 52 -2.24 5.75 -13.45
N MET A 53 -2.67 6.81 -14.13
CA MET A 53 -4.10 6.99 -14.39
C MET A 53 -4.70 5.88 -15.24
N PRO A 54 -4.09 5.45 -16.36
CA PRO A 54 -4.68 4.34 -17.12
C PRO A 54 -4.82 3.06 -16.32
N LEU A 55 -3.86 2.73 -15.45
CA LEU A 55 -3.97 1.51 -14.66
C LEU A 55 -5.08 1.59 -13.63
N PHE A 56 -5.21 2.74 -12.97
CA PHE A 56 -6.32 2.97 -12.04
C PHE A 56 -7.66 2.82 -12.76
N TYR A 57 -7.79 3.46 -13.92
CA TYR A 57 -9.02 3.38 -14.70
C TYR A 57 -9.32 1.95 -15.12
N MET A 58 -8.29 1.22 -15.57
CA MET A 58 -8.48 -0.16 -16.00
C MET A 58 -8.95 -1.04 -14.85
N GLU A 59 -8.33 -0.90 -13.68
CA GLU A 59 -8.73 -1.71 -12.53
C GLU A 59 -10.17 -1.42 -12.13
N LEU A 60 -10.53 -0.14 -12.04
CA LEU A 60 -11.88 0.21 -11.64
C LEU A 60 -12.91 -0.30 -12.64
N ALA A 61 -12.66 -0.10 -13.94
CA ALA A 61 -13.60 -0.54 -14.96
C ALA A 61 -13.74 -2.06 -14.98
N LEU A 62 -12.63 -2.79 -14.87
CA LEU A 62 -12.68 -4.24 -14.89
C LEU A 62 -13.48 -4.77 -13.70
N GLY A 63 -13.20 -4.24 -12.50
CA GLY A 63 -13.95 -4.67 -11.34
C GLY A 63 -15.43 -4.36 -11.44
N GLN A 64 -15.77 -3.17 -11.95
CA GLN A 64 -17.18 -2.80 -12.04
C GLN A 64 -17.92 -3.63 -13.08
N PHE A 65 -17.28 -3.92 -14.20
CA PHE A 65 -17.97 -4.67 -15.26
C PHE A 65 -18.13 -6.13 -14.91
N ASN A 66 -17.09 -6.76 -14.35
CA ASN A 66 -17.17 -8.21 -14.15
C ASN A 66 -17.92 -8.61 -12.88
N ARG A 67 -18.19 -7.66 -11.98
CA ARG A 67 -19.02 -7.88 -10.79
C ARG A 67 -18.51 -9.06 -9.95
N GLU A 68 -17.19 -9.19 -9.83
CA GLU A 68 -16.60 -10.25 -9.04
C GLU A 68 -15.32 -9.74 -8.39
N GLY A 69 -14.67 -10.60 -7.61
CA GLY A 69 -13.47 -10.24 -6.89
C GLY A 69 -12.22 -10.29 -7.76
N ALA A 70 -11.08 -10.27 -7.09
CA ALA A 70 -9.80 -10.22 -7.80
C ALA A 70 -9.57 -11.46 -8.65
N ALA A 71 -9.90 -12.64 -8.12
CA ALA A 71 -9.71 -13.88 -8.85
C ALA A 71 -10.91 -14.30 -9.69
N GLY A 72 -12.03 -13.60 -9.56
CA GLY A 72 -13.23 -13.97 -10.29
C GLY A 72 -13.43 -13.18 -11.57
N VAL A 73 -12.65 -12.11 -11.76
CA VAL A 73 -12.74 -11.31 -12.97
C VAL A 73 -12.03 -11.94 -14.15
N TRP A 74 -11.43 -13.11 -13.97
CA TRP A 74 -10.63 -13.76 -15.02
C TRP A 74 -11.41 -14.80 -15.79
N LYS A 75 -12.72 -14.58 -15.97
CA LYS A 75 -13.48 -15.29 -16.98
C LYS A 75 -13.24 -14.72 -18.37
N ILE A 76 -12.53 -13.60 -18.46
CA ILE A 76 -12.13 -13.05 -19.75
C ILE A 76 -10.86 -13.70 -20.29
N CYS A 77 -10.08 -14.35 -19.44
CA CYS A 77 -8.90 -15.11 -19.87
C CYS A 77 -8.64 -16.18 -18.82
N PRO A 78 -9.21 -17.37 -19.00
CA PRO A 78 -9.15 -18.39 -17.93
C PRO A 78 -7.74 -18.82 -17.55
N ILE A 79 -6.78 -18.80 -18.47
CA ILE A 79 -5.44 -19.28 -18.17
C ILE A 79 -4.64 -18.34 -17.29
N LEU A 80 -5.09 -17.10 -17.12
CA LEU A 80 -4.36 -16.10 -16.34
C LEU A 80 -5.02 -15.83 -15.00
N LYS A 81 -5.67 -16.84 -14.43
CA LYS A 81 -6.38 -16.68 -13.16
C LYS A 81 -5.46 -16.72 -11.95
N GLY A 82 -4.18 -17.03 -12.13
CA GLY A 82 -3.26 -17.10 -11.01
C GLY A 82 -2.84 -15.75 -10.46
N VAL A 83 -3.02 -14.68 -11.24
CA VAL A 83 -2.60 -13.36 -10.77
C VAL A 83 -3.54 -12.86 -9.67
N GLY A 84 -4.80 -13.32 -9.67
CA GLY A 84 -5.68 -13.00 -8.55
C GLY A 84 -5.20 -13.62 -7.25
N PHE A 85 -4.80 -14.88 -7.29
CA PHE A 85 -4.20 -15.51 -6.13
C PHE A 85 -2.90 -14.81 -5.74
N THR A 86 -2.14 -14.34 -6.73
CA THR A 86 -0.91 -13.61 -6.45
C THR A 86 -1.19 -12.34 -5.65
N VAL A 87 -2.15 -11.54 -6.10
CA VAL A 87 -2.44 -10.29 -5.40
C VAL A 87 -3.06 -10.56 -4.04
N ILE A 88 -3.88 -11.61 -3.91
CA ILE A 88 -4.43 -11.97 -2.61
C ILE A 88 -3.32 -12.35 -1.64
N LEU A 89 -2.35 -13.13 -2.11
CA LEU A 89 -1.22 -13.51 -1.26
C LEU A 89 -0.38 -12.30 -0.87
N ILE A 90 -0.21 -11.35 -1.80
CA ILE A 90 0.52 -10.13 -1.48
C ILE A 90 -0.19 -9.36 -0.38
N SER A 91 -1.51 -9.23 -0.48
CA SER A 91 -2.27 -8.53 0.56
C SER A 91 -2.15 -9.23 1.91
N LEU A 92 -2.24 -10.56 1.91
CA LEU A 92 -2.10 -11.32 3.15
C LEU A 92 -0.72 -11.12 3.77
N TYR A 93 0.33 -11.17 2.94
CA TYR A 93 1.69 -10.98 3.45
C TYR A 93 1.87 -9.59 4.03
N VAL A 94 1.33 -8.57 3.36
CA VAL A 94 1.46 -7.20 3.88
C VAL A 94 0.72 -7.07 5.21
N GLY A 95 -0.48 -7.64 5.29
CA GLY A 95 -1.24 -7.58 6.53
C GLY A 95 -0.62 -8.36 7.68
N PHE A 96 0.22 -9.34 7.37
CA PHE A 96 0.89 -10.09 8.43
C PHE A 96 1.81 -9.20 9.27
N PHE A 97 2.26 -8.06 8.74
CA PHE A 97 3.15 -7.18 9.49
C PHE A 97 2.67 -5.74 9.59
N TYR A 98 1.66 -5.34 8.84
CA TYR A 98 1.21 -3.95 8.93
C TYR A 98 0.43 -3.64 10.20
N ASN A 99 0.06 -4.66 10.98
CA ASN A 99 -0.73 -4.46 12.19
C ASN A 99 0.11 -4.24 13.43
N VAL A 100 1.44 -4.17 13.30
CA VAL A 100 2.29 -3.91 14.45
C VAL A 100 2.59 -2.42 14.61
N ILE A 101 2.62 -1.67 13.51
CA ILE A 101 2.77 -0.22 13.62
C ILE A 101 1.57 0.39 14.34
N ILE A 102 0.37 -0.14 14.08
CA ILE A 102 -0.81 0.34 14.77
C ILE A 102 -0.75 -0.01 16.25
N ALA A 103 -0.19 -1.18 16.58
CA ALA A 103 0.01 -1.53 17.99
C ALA A 103 0.98 -0.58 18.66
N TRP A 104 2.06 -0.21 17.96
CA TRP A 104 3.00 0.76 18.51
C TRP A 104 2.33 2.11 18.73
N ALA A 105 1.50 2.54 17.77
CA ALA A 105 0.78 3.80 17.92
C ALA A 105 -0.18 3.76 19.09
N LEU A 106 -0.87 2.63 19.29
CA LEU A 106 -1.75 2.49 20.44
C LEU A 106 -0.96 2.55 21.75
N HIS A 107 0.20 1.89 21.80
CA HIS A 107 1.04 1.94 22.99
C HIS A 107 1.46 3.36 23.31
N TYR A 108 1.89 4.11 22.29
CA TYR A 108 2.31 5.49 22.51
C TYR A 108 1.13 6.37 22.94
N LEU A 109 -0.05 6.15 22.34
CA LEU A 109 -1.23 6.92 22.72
C LEU A 109 -1.61 6.66 24.16
N PHE A 110 -1.56 5.41 24.61
CA PHE A 110 -1.85 5.11 26.00
C PHE A 110 -0.78 5.69 26.92
N SER A 111 0.47 5.73 26.48
CA SER A 111 1.54 6.29 27.29
C SER A 111 1.52 7.81 27.35
N SER A 112 0.86 8.47 26.41
CA SER A 112 0.85 9.93 26.35
C SER A 112 -0.20 10.57 27.26
N PHE A 113 -0.99 9.78 27.97
CA PHE A 113 -2.03 10.30 28.85
C PHE A 113 -1.47 10.56 30.26
N THR A 114 -0.47 11.45 30.31
CA THR A 114 0.18 11.76 31.57
C THR A 114 0.71 13.19 31.52
N THR A 115 0.94 13.75 32.71
CA THR A 115 1.40 15.13 32.82
C THR A 115 2.90 15.28 32.55
N GLU A 116 3.65 14.17 32.53
CA GLU A 116 5.07 14.20 32.18
C GLU A 116 5.35 13.07 31.20
N LEU A 117 5.73 13.44 29.98
CA LEU A 117 5.98 12.43 28.96
C LEU A 117 7.22 11.63 29.31
N PRO A 118 7.24 10.32 29.00
CA PRO A 118 8.36 9.47 29.42
C PRO A 118 9.60 9.59 28.54
N TRP A 119 9.58 10.40 27.47
CA TRP A 119 10.69 10.49 26.55
C TRP A 119 11.32 11.89 26.54
N ILE A 120 11.25 12.59 27.66
CA ILE A 120 11.75 13.97 27.72
C ILE A 120 13.17 13.98 28.27
N HIS A 121 13.50 13.01 29.12
CA HIS A 121 14.83 12.91 29.70
C HIS A 121 15.13 11.44 29.96
N CYS A 122 16.40 11.16 30.24
CA CYS A 122 16.86 9.79 30.49
C CYS A 122 17.33 9.68 31.93
N ASN A 123 16.37 9.40 32.83
CA ASN A 123 16.65 9.10 34.23
C ASN A 123 15.87 7.87 34.68
N ASN A 124 15.44 7.03 33.76
CA ASN A 124 14.59 5.89 34.05
C ASN A 124 15.41 4.62 34.10
N SER A 125 14.73 3.48 34.17
CA SER A 125 15.40 2.18 34.26
C SER A 125 15.78 1.62 32.90
N TRP A 126 15.42 2.28 31.81
CA TRP A 126 15.70 1.78 30.46
C TRP A 126 16.76 2.61 29.74
N ASN A 127 17.59 3.34 30.49
CA ASN A 127 18.53 4.29 29.90
C ASN A 127 19.96 3.86 30.20
N SER A 128 20.79 3.81 29.15
CA SER A 128 22.19 3.45 29.30
C SER A 128 22.97 4.58 29.96
N PRO A 129 24.15 4.26 30.54
CA PRO A 129 24.95 5.30 31.21
C PRO A 129 25.25 6.52 30.35
N ASN A 130 25.50 6.29 29.06
CA ASN A 130 25.80 7.37 28.13
C ASN A 130 24.50 7.86 27.48
N CYS A 131 24.32 9.18 27.45
CA CYS A 131 23.06 9.78 27.05
C CYS A 131 23.29 11.20 26.58
N SER A 132 22.37 11.71 25.75
CA SER A 132 22.45 13.10 25.32
C SER A 132 21.97 14.04 26.41
N ASP A 133 20.94 13.63 27.16
CA ASP A 133 20.35 14.45 28.23
C ASP A 133 19.94 15.83 27.75
N GLY A 151 26.44 9.32 22.48
CA GLY A 151 25.28 8.99 23.27
C GLY A 151 23.97 9.23 22.54
N THR A 152 23.12 8.21 22.49
CA THR A 152 21.86 8.32 21.79
C THR A 152 20.89 9.21 22.58
N THR A 153 19.94 9.81 21.86
CA THR A 153 19.00 10.73 22.46
C THR A 153 18.02 10.01 23.38
N PRO A 154 17.46 10.71 24.36
CA PRO A 154 16.44 10.09 25.22
C PRO A 154 15.22 9.58 24.48
N ALA A 155 14.81 10.24 23.40
CA ALA A 155 13.65 9.78 22.64
C ALA A 155 13.93 8.45 21.95
N ALA A 156 15.08 8.34 21.27
CA ALA A 156 15.44 7.08 20.62
C ALA A 156 15.67 5.98 21.63
N GLU A 157 16.31 6.31 22.76
CA GLU A 157 16.51 5.33 23.82
C GLU A 157 15.18 4.83 24.37
N TYR A 158 14.21 5.73 24.56
CA TYR A 158 12.89 5.29 25.01
C TYR A 158 12.22 4.40 23.96
N PHE A 159 12.33 4.77 22.68
CA PHE A 159 11.66 4.00 21.65
C PHE A 159 12.20 2.58 21.55
N GLU A 160 13.53 2.44 21.41
CA GLU A 160 14.11 1.13 21.15
C GLU A 160 14.79 0.52 22.38
N ARG A 161 14.47 1.02 23.57
CA ARG A 161 15.00 0.43 24.79
C ARG A 161 13.98 0.28 25.90
N GLY A 162 12.81 0.93 25.80
CA GLY A 162 11.78 0.81 26.81
C GLY A 162 10.47 0.30 26.23
N VAL A 163 10.33 0.39 24.91
CA VAL A 163 9.15 -0.11 24.20
C VAL A 163 9.47 -1.41 23.46
N LEU A 164 10.44 -1.36 22.54
CA LEU A 164 10.80 -2.55 21.78
C LEU A 164 11.64 -3.53 22.60
N HIS A 165 12.41 -3.03 23.57
CA HIS A 165 13.37 -3.83 24.32
C HIS A 165 14.34 -4.54 23.36
N LEU A 166 14.82 -3.78 22.38
CA LEU A 166 15.69 -4.32 21.34
C LEU A 166 17.06 -4.72 21.88
N HIS A 167 17.51 -4.14 22.98
CA HIS A 167 18.84 -4.41 23.49
C HIS A 167 19.00 -5.81 24.06
N GLN A 168 17.91 -6.56 24.21
CA GLN A 168 17.97 -7.92 24.73
C GLN A 168 18.04 -8.98 23.62
N SER A 169 18.14 -8.55 22.37
CA SER A 169 18.22 -9.46 21.23
C SER A 169 19.57 -9.30 20.52
N HIS A 170 20.03 -10.40 19.94
CA HIS A 170 21.31 -10.42 19.24
C HIS A 170 21.16 -10.53 17.73
N GLY A 171 19.95 -10.45 17.21
CA GLY A 171 19.69 -10.56 15.79
C GLY A 171 18.41 -11.30 15.53
N ILE A 172 18.18 -11.65 14.26
CA ILE A 172 16.99 -12.37 13.86
C ILE A 172 17.03 -13.84 14.27
N ASP A 173 18.20 -14.34 14.66
CA ASP A 173 18.32 -15.71 15.16
C ASP A 173 18.17 -15.80 16.67
N ASP A 174 17.97 -14.67 17.35
CA ASP A 174 17.75 -14.62 18.79
C ASP A 174 16.56 -13.68 19.02
N LEU A 175 15.36 -14.23 19.01
CA LEU A 175 14.14 -13.42 19.10
C LEU A 175 13.66 -13.27 20.55
N GLY A 176 13.35 -14.39 21.20
CA GLY A 176 12.84 -14.36 22.55
C GLY A 176 11.33 -14.44 22.59
N PRO A 177 10.76 -14.52 23.79
CA PRO A 177 9.30 -14.65 23.92
C PRO A 177 8.62 -13.33 23.60
N PRO A 178 7.33 -13.37 23.25
CA PRO A 178 6.60 -12.13 22.96
C PRO A 178 6.39 -11.29 24.22
N ARG A 179 6.19 -10.00 24.01
CA ARG A 179 5.95 -9.05 25.09
C ARG A 179 4.44 -8.82 25.23
N TRP A 180 3.95 -8.87 26.47
CA TRP A 180 2.51 -8.79 26.69
C TRP A 180 1.97 -7.38 26.51
N GLN A 181 2.79 -6.36 26.80
CA GLN A 181 2.32 -4.99 26.67
C GLN A 181 2.02 -4.62 25.23
N LEU A 182 2.69 -5.27 24.27
CA LEU A 182 2.38 -5.08 22.86
C LEU A 182 1.36 -6.09 22.35
N THR A 183 1.32 -7.28 22.95
CA THR A 183 0.33 -8.27 22.58
C THR A 183 -1.08 -7.78 22.90
N ALA A 184 -1.23 -7.04 24.01
CA ALA A 184 -2.55 -6.49 24.34
C ALA A 184 -3.02 -5.49 23.28
N CYS A 185 -2.12 -4.62 22.83
CA CYS A 185 -2.48 -3.67 21.78
C CYS A 185 -2.79 -4.39 20.47
N LEU A 186 -2.04 -5.44 20.15
CA LEU A 186 -2.34 -6.25 18.98
C LEU A 186 -3.73 -6.87 19.07
N VAL A 187 -4.09 -7.37 20.25
CA VAL A 187 -5.41 -7.96 20.46
C VAL A 187 -6.50 -6.90 20.25
N LEU A 188 -6.30 -5.70 20.79
CA LEU A 188 -7.28 -4.63 20.60
C LEU A 188 -7.45 -4.30 19.14
N VAL A 189 -6.34 -4.19 18.40
CA VAL A 189 -6.40 -3.86 16.98
C VAL A 189 -7.13 -4.96 16.21
N ILE A 190 -6.86 -6.23 16.56
CA ILE A 190 -7.51 -7.34 15.87
C ILE A 190 -9.01 -7.35 16.15
N VAL A 191 -9.41 -7.04 17.38
CA VAL A 191 -10.84 -7.00 17.71
C VAL A 191 -11.52 -5.89 16.92
N LEU A 192 -10.90 -4.71 16.85
CA LEU A 192 -11.47 -3.63 16.04
C LEU A 192 -11.60 -4.04 14.58
N LEU A 193 -10.55 -4.67 14.03
CA LEU A 193 -10.57 -5.08 12.63
C LEU A 193 -11.67 -6.09 12.37
N TYR A 194 -11.87 -7.05 13.28
CA TYR A 194 -12.92 -8.04 13.09
C TYR A 194 -14.29 -7.39 13.13
N PHE A 195 -14.55 -6.57 14.15
CA PHE A 195 -15.88 -6.00 14.27
C PHE A 195 -16.16 -4.90 13.26
N SER A 196 -15.14 -4.46 12.52
CA SER A 196 -15.34 -3.48 11.46
C SER A 196 -15.55 -4.13 10.09
N LEU A 197 -15.53 -5.47 9.99
CA LEU A 197 -15.60 -6.12 8.70
C LEU A 197 -16.50 -7.35 8.65
N TRP A 198 -17.13 -7.74 9.75
CA TRP A 198 -17.81 -9.03 9.79
C TRP A 198 -19.17 -9.03 9.10
N LYS A 199 -19.76 -7.86 8.85
CA LYS A 199 -21.08 -7.77 8.21
C LYS A 199 -21.02 -7.30 6.77
N GLY A 200 -19.82 -7.13 6.20
CA GLY A 200 -19.71 -6.73 4.82
C GLY A 200 -19.49 -5.24 4.62
N VAL A 201 -19.98 -4.70 3.50
CA VAL A 201 -19.80 -3.29 3.20
C VAL A 201 -20.95 -2.43 3.70
N LYS A 202 -22.01 -3.04 4.25
CA LYS A 202 -23.10 -2.24 4.78
C LYS A 202 -22.69 -1.50 6.05
N THR A 203 -21.83 -2.12 6.86
CA THR A 203 -21.28 -1.47 8.05
C THR A 203 -19.87 -0.93 7.83
N SER A 204 -19.11 -1.51 6.91
CA SER A 204 -17.76 -1.03 6.64
C SER A 204 -17.77 0.30 5.89
N GLY A 205 -18.86 0.62 5.18
CA GLY A 205 -18.93 1.90 4.49
C GLY A 205 -19.28 3.06 5.38
N LYS A 206 -19.79 2.81 6.58
CA LYS A 206 -20.09 3.87 7.53
C LYS A 206 -18.99 4.09 8.56
N VAL A 207 -18.06 3.14 8.68
CA VAL A 207 -16.91 3.33 9.57
C VAL A 207 -15.96 4.36 8.99
N VAL A 208 -15.77 4.36 7.68
CA VAL A 208 -14.79 5.23 7.02
C VAL A 208 -15.25 6.68 7.04
N TRP A 209 -16.47 6.93 7.53
CA TRP A 209 -16.94 8.30 7.69
C TRP A 209 -16.17 9.05 8.76
N ILE A 210 -15.39 8.36 9.59
CA ILE A 210 -14.61 8.98 10.65
C ILE A 210 -13.11 8.81 10.40
N THR A 211 -12.68 7.59 10.04
CA THR A 211 -11.26 7.31 9.89
C THR A 211 -10.66 7.94 8.64
N ALA A 212 -11.48 8.22 7.62
CA ALA A 212 -10.99 8.85 6.41
C ALA A 212 -11.10 10.37 6.43
N THR A 213 -11.68 10.95 7.49
CA THR A 213 -11.80 12.39 7.62
C THR A 213 -11.09 12.97 8.83
N MET A 214 -10.84 12.18 9.87
CA MET A 214 -10.05 12.68 11.00
C MET A 214 -8.63 13.10 10.65
N PRO A 215 -7.88 12.37 9.81
CA PRO A 215 -6.50 12.82 9.51
C PRO A 215 -6.42 14.23 8.96
N TYR A 216 -7.36 14.64 8.11
CA TYR A 216 -7.33 16.01 7.60
C TYR A 216 -7.56 17.02 8.71
N VAL A 217 -8.48 16.72 9.63
CA VAL A 217 -8.76 17.62 10.74
C VAL A 217 -7.54 17.77 11.63
N VAL A 218 -6.83 16.67 11.89
CA VAL A 218 -5.62 16.77 12.72
C VAL A 218 -4.50 17.48 11.98
N LEU A 219 -4.36 17.21 10.67
CA LEU A 219 -3.28 17.82 9.89
C LEU A 219 -3.46 19.32 9.74
N THR A 220 -4.70 19.80 9.64
CA THR A 220 -4.92 21.25 9.57
C THR A 220 -4.41 21.94 10.82
N ALA A 221 -4.74 21.39 11.99
CA ALA A 221 -4.27 21.97 13.24
C ALA A 221 -2.75 21.85 13.38
N LEU A 222 -2.19 20.71 12.94
CA LEU A 222 -0.74 20.55 12.99
C LEU A 222 -0.04 21.59 12.14
N LEU A 223 -0.55 21.83 10.92
CA LEU A 223 0.03 22.85 10.05
C LEU A 223 -0.12 24.25 10.65
N LEU A 224 -1.29 24.55 11.21
CA LEU A 224 -1.49 25.86 11.82
C LEU A 224 -0.54 26.08 12.98
N ARG A 225 -0.26 25.03 13.76
CA ARG A 225 0.66 25.17 14.88
C ARG A 225 2.11 25.28 14.41
N GLY A 226 2.51 24.45 13.44
CA GLY A 226 3.89 24.42 13.00
C GLY A 226 4.31 25.59 12.14
N VAL A 227 3.36 26.26 11.49
CA VAL A 227 3.72 27.41 10.66
C VAL A 227 4.27 28.53 11.53
N THR A 228 3.73 28.69 12.73
CA THR A 228 4.13 29.80 13.61
C THR A 228 5.45 29.54 14.33
N LEU A 229 6.02 28.35 14.23
CA LEU A 229 7.26 28.05 14.93
C LEU A 229 8.42 28.84 14.31
N PRO A 230 9.38 29.26 15.13
CA PRO A 230 10.56 29.95 14.59
C PRO A 230 11.40 29.02 13.74
N GLY A 231 11.86 29.53 12.59
CA GLY A 231 12.66 28.75 11.69
C GLY A 231 11.90 27.74 10.85
N ALA A 232 10.56 27.78 10.87
CA ALA A 232 9.78 26.86 10.04
C ALA A 232 9.80 27.28 8.58
N ILE A 233 9.94 28.57 8.29
CA ILE A 233 10.00 29.04 6.91
C ILE A 233 11.27 28.54 6.24
N ASP A 234 12.39 28.54 6.96
CA ASP A 234 13.64 28.03 6.41
C ASP A 234 13.60 26.54 6.14
N GLY A 235 12.67 25.81 6.76
CA GLY A 235 12.49 24.40 6.47
C GLY A 235 11.56 24.19 5.30
N ILE A 236 10.78 25.21 4.96
CA ILE A 236 9.88 25.13 3.82
C ILE A 236 10.62 25.51 2.53
N ARG A 237 11.51 26.51 2.60
CA ARG A 237 12.29 26.89 1.44
C ARG A 237 13.16 25.73 0.96
N ALA A 238 13.73 24.96 1.88
CA ALA A 238 14.51 23.79 1.52
C ALA A 238 13.67 22.69 0.90
N TYR A 239 12.34 22.78 1.00
CA TYR A 239 11.44 21.78 0.42
C TYR A 239 11.03 22.12 -1.00
N LEU A 240 10.85 23.40 -1.32
CA LEU A 240 10.45 23.86 -2.65
C LEU A 240 11.54 24.78 -3.17
N SER A 241 12.55 24.19 -3.81
CA SER A 241 13.64 24.97 -4.40
C SER A 241 14.09 24.22 -5.65
N VAL A 242 13.68 24.72 -6.82
CA VAL A 242 13.92 24.01 -8.07
C VAL A 242 15.41 24.02 -8.41
N ASP A 243 15.85 22.97 -9.10
CA ASP A 243 17.21 22.88 -9.61
C ASP A 243 17.25 22.80 -11.13
N PHE A 244 16.50 21.87 -11.73
CA PHE A 244 16.40 21.62 -13.17
C PHE A 244 17.69 21.05 -13.75
N TYR A 245 18.76 20.94 -12.96
CA TYR A 245 19.98 20.28 -13.39
C TYR A 245 20.14 18.91 -12.77
N ARG A 246 19.20 18.49 -11.93
CA ARG A 246 19.18 17.14 -11.39
C ARG A 246 18.40 16.18 -12.28
N LEU A 247 17.77 16.69 -13.34
CA LEU A 247 17.09 15.83 -14.30
C LEU A 247 18.06 15.18 -15.28
N CYS A 248 19.32 15.57 -15.26
CA CYS A 248 20.35 14.97 -16.11
C CYS A 248 20.98 13.73 -15.48
N GLU A 249 20.51 13.32 -14.30
CA GLU A 249 21.01 12.14 -13.62
C GLU A 249 19.96 11.04 -13.69
N ALA A 250 20.40 9.82 -14.00
CA ALA A 250 19.49 8.68 -14.12
C ALA A 250 19.25 8.01 -12.77
N SER A 251 18.89 8.82 -11.78
CA SER A 251 18.48 8.30 -10.48
C SER A 251 17.20 8.98 -10.05
N VAL A 252 16.99 10.21 -10.55
CA VAL A 252 15.74 10.91 -10.29
C VAL A 252 14.59 10.26 -11.03
N TRP A 253 14.81 9.88 -12.30
CA TRP A 253 13.75 9.26 -13.09
C TRP A 253 13.37 7.89 -12.53
N ILE A 254 14.36 7.10 -12.11
CA ILE A 254 14.08 5.78 -11.54
C ILE A 254 13.28 5.94 -10.25
N ASP A 255 13.67 6.90 -9.40
CA ASP A 255 12.94 7.13 -8.16
C ASP A 255 11.51 7.58 -8.44
N ALA A 256 11.33 8.46 -9.42
CA ALA A 256 9.99 8.93 -9.76
C ALA A 256 9.12 7.77 -10.27
N ALA A 257 9.69 6.92 -11.13
CA ALA A 257 8.93 5.77 -11.63
C ALA A 257 8.56 4.82 -10.51
N THR A 258 9.50 4.54 -9.61
CA THR A 258 9.21 3.63 -8.50
C THR A 258 8.14 4.21 -7.58
N GLN A 259 8.22 5.52 -7.29
CA GLN A 259 7.21 6.16 -6.44
C GLN A 259 5.84 6.14 -7.10
N VAL A 260 5.78 6.39 -8.41
CA VAL A 260 4.51 6.33 -9.11
C VAL A 260 3.93 4.92 -9.04
N CYS A 261 4.79 3.91 -9.24
CA CYS A 261 4.31 2.53 -9.19
C CYS A 261 3.79 2.15 -7.81
N PHE A 262 4.49 2.58 -6.75
CA PHE A 262 4.18 2.10 -5.41
C PHE A 262 3.23 2.99 -4.63
N SER A 263 2.90 4.18 -5.12
CA SER A 263 2.00 5.06 -4.38
C SER A 263 0.53 4.80 -4.64
N LEU A 264 0.18 4.20 -5.78
CA LEU A 264 -1.20 3.88 -6.05
C LEU A 264 -1.60 2.58 -5.34
N GLY A 265 -2.91 2.34 -5.29
CA GLY A 265 -3.44 1.15 -4.67
C GLY A 265 -3.50 -0.06 -5.57
N VAL A 266 -2.94 0.03 -6.79
CA VAL A 266 -3.01 -1.09 -7.71
C VAL A 266 -2.08 -2.21 -7.26
N GLY A 267 -2.36 -3.42 -7.76
CA GLY A 267 -1.55 -4.58 -7.44
C GLY A 267 -1.94 -5.32 -6.18
N PHE A 268 -3.01 -4.90 -5.50
CA PHE A 268 -3.47 -5.57 -4.29
C PHE A 268 -4.82 -6.27 -4.44
N GLY A 269 -5.59 -5.94 -5.46
CA GLY A 269 -6.93 -6.45 -5.62
C GLY A 269 -7.99 -5.72 -4.83
N VAL A 270 -7.62 -4.66 -4.11
CA VAL A 270 -8.60 -3.91 -3.32
C VAL A 270 -9.52 -3.11 -4.22
N LEU A 271 -8.97 -2.50 -5.28
CA LEU A 271 -9.79 -1.67 -6.17
C LEU A 271 -10.84 -2.50 -6.89
N ILE A 272 -10.46 -3.71 -7.33
CA ILE A 272 -11.42 -4.59 -8.00
C ILE A 272 -12.55 -4.98 -7.06
N ALA A 273 -12.20 -5.34 -5.81
CA ALA A 273 -13.22 -5.72 -4.84
C ALA A 273 -14.14 -4.55 -4.51
N PHE A 274 -13.58 -3.35 -4.36
CA PHE A 274 -14.41 -2.18 -4.07
C PHE A 274 -15.33 -1.84 -5.24
N SER A 275 -14.84 -1.99 -6.48
CA SER A 275 -15.66 -1.67 -7.63
C SER A 275 -16.73 -2.72 -7.89
N SER A 276 -16.49 -3.97 -7.47
CA SER A 276 -17.46 -5.03 -7.72
C SER A 276 -18.80 -4.78 -7.02
N TYR A 277 -18.83 -3.91 -6.01
CA TYR A 277 -20.06 -3.58 -5.31
C TYR A 277 -20.74 -2.33 -5.86
N ASN A 278 -20.17 -1.71 -6.89
CA ASN A 278 -20.77 -0.52 -7.47
C ASN A 278 -21.92 -0.88 -8.40
N LYS A 279 -22.74 0.11 -8.71
CA LYS A 279 -23.81 -0.08 -9.68
C LYS A 279 -23.22 -0.24 -11.08
N PHE A 280 -23.98 -0.91 -11.95
CA PHE A 280 -23.47 -1.22 -13.28
C PHE A 280 -23.31 0.02 -14.14
N THR A 281 -24.20 1.00 -13.99
CA THR A 281 -24.27 2.13 -14.91
C THR A 281 -23.63 3.40 -14.35
N ASN A 282 -22.87 3.32 -13.27
CA ASN A 282 -22.23 4.52 -12.75
C ASN A 282 -20.96 4.83 -13.54
N ASN A 283 -20.51 6.08 -13.43
CA ASN A 283 -19.35 6.58 -14.16
C ASN A 283 -18.09 6.37 -13.32
N CYS A 284 -17.21 5.49 -13.79
CA CYS A 284 -15.97 5.21 -13.07
C CYS A 284 -14.81 6.10 -13.52
N TYR A 285 -14.93 6.74 -14.68
CA TYR A 285 -13.89 7.65 -15.16
C TYR A 285 -13.73 8.85 -14.24
N ARG A 286 -14.84 9.52 -13.93
CA ARG A 286 -14.81 10.66 -13.03
C ARG A 286 -14.35 10.25 -11.63
N ASP A 287 -14.80 9.08 -11.17
CA ASP A 287 -14.39 8.59 -9.86
C ASP A 287 -12.89 8.37 -9.80
N ALA A 288 -12.32 7.75 -10.85
CA ALA A 288 -10.88 7.55 -10.88
C ALA A 288 -10.13 8.87 -10.89
N ILE A 289 -10.59 9.83 -11.69
CA ILE A 289 -9.92 11.13 -11.76
C ILE A 289 -9.95 11.81 -10.39
N VAL A 290 -11.11 11.82 -9.74
CA VAL A 290 -11.25 12.51 -8.46
C VAL A 290 -10.38 11.84 -7.39
N THR A 291 -10.43 10.51 -7.32
CA THR A 291 -9.66 9.80 -6.31
C THR A 291 -8.16 10.01 -6.51
N THR A 292 -7.69 9.91 -7.77
CA THR A 292 -6.28 10.12 -8.03
C THR A 292 -5.85 11.54 -7.69
N SER A 293 -6.67 12.54 -8.04
CA SER A 293 -6.32 13.92 -7.74
C SER A 293 -6.21 14.13 -6.23
N ILE A 294 -7.18 13.62 -5.48
CA ILE A 294 -7.15 13.81 -4.02
C ILE A 294 -5.94 13.11 -3.41
N ASN A 295 -5.67 11.87 -3.84
CA ASN A 295 -4.55 11.13 -3.28
C ASN A 295 -3.22 11.81 -3.58
N SER A 296 -3.05 12.33 -4.80
CA SER A 296 -1.80 13.00 -5.14
C SER A 296 -1.66 14.33 -4.42
N LEU A 297 -2.76 15.07 -4.26
CA LEU A 297 -2.68 16.37 -3.59
C LEU A 297 -2.43 16.22 -2.10
N THR A 298 -2.88 15.12 -1.49
CA THR A 298 -2.72 14.95 -0.05
C THR A 298 -1.26 14.92 0.37
N SER A 299 -0.43 14.16 -0.36
CA SER A 299 0.99 14.07 -0.01
C SER A 299 1.69 15.40 -0.17
N PHE A 300 1.44 16.11 -1.27
CA PHE A 300 2.06 17.41 -1.48
C PHE A 300 1.65 18.40 -0.40
N SER A 301 0.38 18.39 -0.01
CA SER A 301 -0.08 19.28 1.05
C SER A 301 0.55 18.91 2.39
N SER A 302 0.63 17.61 2.70
CA SER A 302 1.16 17.18 3.98
C SER A 302 2.65 17.36 4.09
N GLY A 303 3.36 17.52 2.96
CA GLY A 303 4.78 17.80 3.03
C GLY A 303 5.11 19.14 3.66
N PHE A 304 4.12 20.03 3.81
CA PHE A 304 4.36 21.35 4.39
C PHE A 304 4.50 21.33 5.90
N VAL A 305 3.95 20.31 6.57
CA VAL A 305 4.02 20.25 8.03
C VAL A 305 5.34 19.63 8.48
N VAL A 306 5.73 18.54 7.82
CA VAL A 306 6.93 17.80 8.20
C VAL A 306 8.15 18.70 8.14
N PHE A 307 8.28 19.46 7.05
CA PHE A 307 9.48 20.26 6.87
C PHE A 307 9.47 21.52 7.71
N SER A 308 8.30 22.07 8.04
CA SER A 308 8.25 23.16 9.00
C SER A 308 8.74 22.69 10.37
N PHE A 309 8.27 21.52 10.81
CA PHE A 309 8.73 20.99 12.09
C PHE A 309 10.23 20.65 12.04
N LEU A 310 10.70 20.11 10.92
CA LEU A 310 12.11 19.78 10.78
C LEU A 310 12.98 21.04 10.80
N GLY A 311 12.52 22.11 10.15
CA GLY A 311 13.26 23.36 10.21
C GLY A 311 13.28 23.95 11.62
N TYR A 312 12.17 23.84 12.34
CA TYR A 312 12.15 24.27 13.74
C TYR A 312 13.18 23.49 14.56
N MET A 313 13.20 22.17 14.40
CA MET A 313 14.17 21.35 15.12
C MET A 313 15.60 21.69 14.74
N ALA A 314 15.85 21.89 13.45
CA ALA A 314 17.21 22.19 12.99
C ALA A 314 17.68 23.53 13.53
N GLN A 315 16.80 24.52 13.58
CA GLN A 315 17.15 25.79 14.21
C GLN A 315 17.42 25.60 15.69
N LYS A 316 16.65 24.73 16.34
CA LYS A 316 16.85 24.48 17.78
C LYS A 316 18.22 23.88 18.06
N HIS A 317 18.65 22.91 17.25
CA HIS A 317 19.89 22.20 17.49
C HIS A 317 21.09 22.78 16.76
N SER A 318 20.88 23.82 15.93
CA SER A 318 21.94 24.43 15.13
C SER A 318 22.65 23.40 14.25
N VAL A 319 21.85 22.59 13.56
CA VAL A 319 22.37 21.56 12.66
C VAL A 319 21.64 21.69 11.33
N PRO A 320 22.27 21.22 10.24
CA PRO A 320 21.58 21.25 8.94
C PRO A 320 20.37 20.33 8.93
N ILE A 321 19.41 20.67 8.07
CA ILE A 321 18.17 19.90 7.97
C ILE A 321 18.44 18.48 7.49
N GLY A 322 19.53 18.28 6.74
CA GLY A 322 19.81 16.95 6.21
C GLY A 322 20.06 15.93 7.30
N ASP A 323 20.73 16.32 8.39
CA ASP A 323 21.00 15.41 9.49
C ASP A 323 19.79 15.18 10.38
N VAL A 324 18.74 15.97 10.24
CA VAL A 324 17.52 15.81 11.03
C VAL A 324 16.48 14.97 10.32
N ALA A 325 16.34 15.16 9.01
CA ALA A 325 15.32 14.46 8.22
C ALA A 325 15.70 12.98 8.11
N LYS A 326 15.07 12.15 8.93
CA LYS A 326 15.27 10.72 8.90
C LYS A 326 14.19 10.07 8.05
N ASP A 327 14.14 8.74 8.09
CA ASP A 327 13.16 8.00 7.30
C ASP A 327 12.82 6.69 8.02
N GLY A 328 11.67 6.14 7.68
CA GLY A 328 11.21 4.89 8.27
C GLY A 328 10.49 5.11 9.59
N PRO A 329 10.41 4.05 10.41
CA PRO A 329 9.77 4.18 11.71
C PRO A 329 10.52 5.10 12.67
N GLY A 330 11.78 5.43 12.39
CA GLY A 330 12.55 6.29 13.25
C GLY A 330 12.24 7.75 13.15
N LEU A 331 11.34 8.15 12.24
CA LEU A 331 10.93 9.55 12.14
C LEU A 331 9.71 9.83 13.01
N ILE A 332 8.61 9.13 12.74
CA ILE A 332 7.34 9.41 13.42
C ILE A 332 7.33 8.94 14.87
N PHE A 333 8.29 8.12 15.29
CA PHE A 333 8.34 7.63 16.65
C PHE A 333 9.49 8.18 17.46
N ILE A 334 10.44 8.87 16.82
CA ILE A 334 11.59 9.46 17.51
C ILE A 334 11.69 10.95 17.24
N ILE A 335 11.72 11.35 15.97
CA ILE A 335 11.92 12.76 15.63
C ILE A 335 10.65 13.57 15.93
N TYR A 336 9.51 13.11 15.50
CA TYR A 336 8.29 13.93 15.72
C TYR A 336 7.97 14.01 17.23
N PRO A 337 7.87 12.92 18.02
CA PRO A 337 7.61 13.13 19.46
C PRO A 337 8.84 13.60 20.22
N GLU A 338 9.55 14.58 19.66
CA GLU A 338 10.68 15.20 20.33
C GLU A 338 10.55 16.72 20.21
N ALA A 339 9.94 17.17 19.11
CA ALA A 339 9.59 18.58 18.96
C ALA A 339 8.31 18.91 19.68
N ILE A 340 7.42 17.92 19.84
CA ILE A 340 6.15 18.15 20.54
C ILE A 340 6.40 18.38 22.03
N ALA A 341 7.36 17.64 22.62
CA ALA A 341 7.62 17.77 24.04
C ALA A 341 8.16 19.15 24.43
N THR A 342 8.64 19.92 23.46
CA THR A 342 9.13 21.27 23.72
C THR A 342 8.07 22.33 23.51
N LEU A 343 6.84 21.95 23.14
CA LEU A 343 5.76 22.89 22.91
C LEU A 343 4.89 23.05 24.16
N PRO A 344 4.31 24.22 24.36
CA PRO A 344 3.30 24.37 25.42
C PRO A 344 2.10 23.47 25.13
N LEU A 345 1.51 22.93 26.20
CA LEU A 345 0.41 21.98 26.08
C LEU A 345 0.82 20.76 25.26
N SER A 346 1.94 20.15 25.66
CA SER A 346 2.54 19.08 24.86
C SER A 346 1.72 17.80 24.89
N SER A 347 1.08 17.49 26.02
CA SER A 347 0.34 16.23 26.14
C SER A 347 -0.82 16.18 25.15
N ALA A 348 -1.57 17.28 25.02
CA ALA A 348 -2.68 17.30 24.08
C ALA A 348 -2.21 17.12 22.64
N TRP A 349 -1.11 17.78 22.28
CA TRP A 349 -0.56 17.63 20.93
C TRP A 349 -0.10 16.20 20.68
N ALA A 350 0.54 15.58 21.67
CA ALA A 350 0.92 14.18 21.52
C ALA A 350 -0.29 13.28 21.35
N VAL A 351 -1.36 13.54 22.12
CA VAL A 351 -2.56 12.72 22.04
C VAL A 351 -3.18 12.82 20.64
N VAL A 352 -3.32 14.05 20.12
CA VAL A 352 -3.94 14.21 18.81
C VAL A 352 -3.05 13.64 17.71
N PHE A 353 -1.72 13.81 17.85
CA PHE A 353 -0.81 13.26 16.86
C PHE A 353 -0.90 11.74 16.78
N PHE A 354 -0.94 11.07 17.94
CA PHE A 354 -1.00 9.61 17.91
C PHE A 354 -2.39 9.11 17.56
N ILE A 355 -3.44 9.87 17.85
CA ILE A 355 -4.77 9.52 17.33
C ILE A 355 -4.78 9.59 15.81
N MET A 356 -4.18 10.62 15.24
CA MET A 356 -4.09 10.73 13.78
C MET A 356 -3.28 9.58 13.20
N LEU A 357 -2.17 9.21 13.83
CA LEU A 357 -1.38 8.08 13.36
C LEU A 357 -2.18 6.79 13.41
N LEU A 358 -2.93 6.59 14.49
CA LEU A 358 -3.73 5.36 14.62
C LEU A 358 -4.84 5.31 13.58
N THR A 359 -5.50 6.44 13.32
CA THR A 359 -6.61 6.46 12.37
C THR A 359 -6.15 6.53 10.92
N LEU A 360 -4.87 6.83 10.66
CA LEU A 360 -4.35 6.88 9.31
C LEU A 360 -3.93 5.51 8.78
N GLY A 361 -3.79 4.48 9.57
CA GLY A 361 -3.44 3.20 9.01
C GLY A 361 -4.39 2.10 9.35
N ILE A 362 -5.58 2.38 9.87
CA ILE A 362 -6.63 1.37 10.21
C ILE A 362 -7.51 1.08 9.00
N ASP A 363 -7.66 1.98 8.05
CA ASP A 363 -8.51 1.85 6.85
C ASP A 363 -7.69 1.28 5.71
N SER A 364 -6.37 1.12 5.85
CA SER A 364 -5.45 0.55 4.85
C SER A 364 -5.19 -0.89 5.25
N ALA A 365 -5.62 -1.30 6.42
CA ALA A 365 -5.51 -2.66 6.92
C ALA A 365 -6.86 -3.35 6.80
N MET A 366 -7.99 -2.63 6.88
CA MET A 366 -9.30 -3.23 6.61
C MET A 366 -9.56 -3.34 5.11
N GLY A 367 -9.00 -2.44 4.31
CA GLY A 367 -9.12 -2.59 2.86
C GLY A 367 -8.45 -3.84 2.35
N GLY A 368 -7.23 -4.11 2.82
CA GLY A 368 -6.55 -5.33 2.42
C GLY A 368 -7.28 -6.58 2.89
N MET A 369 -7.78 -6.56 4.13
CA MET A 369 -8.53 -7.71 4.63
C MET A 369 -9.80 -7.93 3.82
N GLU A 370 -10.51 -6.85 3.47
CA GLU A 370 -11.69 -6.98 2.64
C GLU A 370 -11.35 -7.55 1.27
N SER A 371 -10.22 -7.11 0.68
CA SER A 371 -9.77 -7.67 -0.58
C SER A 371 -9.60 -9.19 -0.46
N VAL A 372 -8.88 -9.64 0.56
CA VAL A 372 -8.64 -11.07 0.73
C VAL A 372 -9.96 -11.81 0.90
N ILE A 373 -10.83 -11.30 1.77
CA ILE A 373 -12.08 -12.00 2.09
C ILE A 373 -12.98 -12.10 0.87
N THR A 374 -13.15 -10.98 0.14
CA THR A 374 -13.99 -10.99 -1.05
C THR A 374 -13.42 -11.92 -2.12
N GLY A 375 -12.10 -11.85 -2.35
CA GLY A 375 -11.51 -12.70 -3.36
C GLY A 375 -11.67 -14.18 -3.06
N LEU A 376 -11.51 -14.56 -1.80
CA LEU A 376 -11.64 -15.97 -1.45
C LEU A 376 -13.10 -16.42 -1.40
N ILE A 377 -14.02 -15.54 -1.01
CA ILE A 377 -15.43 -15.92 -0.94
C ILE A 377 -16.01 -16.08 -2.34
N ASP A 378 -15.64 -15.20 -3.27
CA ASP A 378 -16.19 -15.28 -4.62
C ASP A 378 -15.85 -16.57 -5.33
N GLU A 379 -14.78 -17.26 -4.92
CA GLU A 379 -14.37 -18.47 -5.63
C GLU A 379 -15.13 -19.70 -5.14
N PHE A 380 -15.15 -19.92 -3.83
CA PHE A 380 -15.83 -21.08 -3.25
C PHE A 380 -17.17 -20.64 -2.69
N GLN A 381 -18.26 -21.23 -3.20
CA GLN A 381 -19.59 -20.85 -2.78
C GLN A 381 -20.00 -21.45 -1.44
N LEU A 382 -19.20 -22.37 -0.89
CA LEU A 382 -19.47 -22.85 0.46
C LEU A 382 -19.34 -21.72 1.48
N LEU A 383 -18.35 -20.84 1.29
CA LEU A 383 -18.17 -19.71 2.19
C LEU A 383 -19.11 -18.57 1.81
N HIS A 384 -20.40 -18.88 1.68
CA HIS A 384 -21.43 -17.88 1.40
C HIS A 384 -22.48 -18.01 2.49
N ARG A 385 -22.85 -16.86 3.08
CA ARG A 385 -23.70 -16.74 4.27
C ARG A 385 -22.89 -17.16 5.51
N HIS A 386 -21.73 -17.75 5.28
CA HIS A 386 -20.75 -17.98 6.35
C HIS A 386 -19.65 -16.93 6.28
N ARG A 387 -20.06 -15.68 6.46
CA ARG A 387 -19.15 -14.54 6.36
C ARG A 387 -18.50 -14.20 7.68
N GLU A 388 -19.22 -14.38 8.80
CA GLU A 388 -18.63 -14.11 10.11
C GLU A 388 -17.55 -15.13 10.45
N LEU A 389 -17.81 -16.42 10.17
CA LEU A 389 -16.84 -17.45 10.52
C LEU A 389 -15.56 -17.32 9.69
N PHE A 390 -15.70 -17.04 8.39
CA PHE A 390 -14.51 -16.88 7.55
C PHE A 390 -13.68 -15.68 7.98
N THR A 391 -14.34 -14.56 8.30
CA THR A 391 -13.62 -13.39 8.79
C THR A 391 -12.92 -13.69 10.11
N LEU A 392 -13.60 -14.41 11.01
CA LEU A 392 -12.99 -14.77 12.28
C LEU A 392 -11.75 -15.63 12.07
N PHE A 393 -11.84 -16.62 11.17
CA PHE A 393 -10.69 -17.46 10.89
C PHE A 393 -9.53 -16.66 10.31
N ILE A 394 -9.84 -15.74 9.38
CA ILE A 394 -8.78 -14.95 8.75
C ILE A 394 -8.09 -14.06 9.77
N VAL A 395 -8.87 -13.36 10.61
CA VAL A 395 -8.26 -12.47 11.59
C VAL A 395 -7.49 -13.27 12.64
N LEU A 396 -7.97 -14.46 13.02
CA LEU A 396 -7.23 -15.30 13.96
C LEU A 396 -5.90 -15.75 13.37
N ALA A 397 -5.89 -16.15 12.09
CA ALA A 397 -4.65 -16.54 11.45
C ALA A 397 -3.68 -15.37 11.37
N THR A 398 -4.19 -14.18 11.03
CA THR A 398 -3.33 -13.00 10.96
C THR A 398 -2.73 -12.67 12.32
N PHE A 399 -3.54 -12.73 13.38
CA PHE A 399 -3.02 -12.47 14.73
C PHE A 399 -1.98 -13.50 15.13
N LEU A 400 -2.22 -14.78 14.80
CA LEU A 400 -1.26 -15.82 15.17
C LEU A 400 0.06 -15.63 14.45
N LEU A 401 0.02 -15.28 13.16
CA LEU A 401 1.24 -15.12 12.39
C LEU A 401 1.90 -13.76 12.58
N SER A 402 1.22 -12.81 13.24
CA SER A 402 1.81 -11.52 13.54
C SER A 402 2.50 -11.49 14.90
N LEU A 403 2.58 -12.63 15.59
CA LEU A 403 3.23 -12.69 16.90
C LEU A 403 4.74 -12.72 16.82
N PHE A 404 5.32 -12.84 15.62
CA PHE A 404 6.76 -12.83 15.48
C PHE A 404 7.35 -11.43 15.63
N CYS A 405 6.58 -10.39 15.33
CA CYS A 405 7.06 -9.02 15.34
C CYS A 405 6.88 -8.32 16.68
N VAL A 406 6.34 -9.00 17.68
CA VAL A 406 6.17 -8.43 19.01
C VAL A 406 7.13 -9.06 20.02
N THR A 407 8.18 -9.71 19.53
CA THR A 407 9.20 -10.29 20.38
C THR A 407 10.27 -9.25 20.68
N ASN A 408 11.35 -9.65 21.34
CA ASN A 408 12.43 -8.72 21.62
C ASN A 408 13.10 -8.23 20.34
N GLY A 409 13.35 -9.14 19.40
CA GLY A 409 13.97 -8.78 18.14
C GLY A 409 12.99 -8.75 16.98
N GLY A 410 11.78 -8.24 17.22
CA GLY A 410 10.77 -8.21 16.18
C GLY A 410 10.96 -7.14 15.13
N ILE A 411 11.78 -6.13 15.41
CA ILE A 411 12.04 -5.10 14.41
C ILE A 411 12.80 -5.67 13.22
N TYR A 412 13.66 -6.67 13.46
CA TYR A 412 14.35 -7.32 12.35
C TYR A 412 13.38 -8.04 11.43
N VAL A 413 12.41 -8.77 12.01
CA VAL A 413 11.40 -9.46 11.20
C VAL A 413 10.55 -8.43 10.47
N PHE A 414 10.21 -7.33 11.15
CA PHE A 414 9.45 -6.26 10.50
C PHE A 414 10.20 -5.71 9.29
N THR A 415 11.50 -5.46 9.45
CA THR A 415 12.30 -4.92 8.35
C THR A 415 12.38 -5.91 7.19
N LEU A 416 12.60 -7.19 7.49
CA LEU A 416 12.68 -8.19 6.44
C LEU A 416 11.37 -8.28 5.67
N LEU A 417 10.25 -8.34 6.39
CA LEU A 417 8.95 -8.44 5.73
C LEU A 417 8.64 -7.19 4.91
N ASP A 418 8.95 -6.01 5.46
CA ASP A 418 8.73 -4.78 4.72
C ASP A 418 9.57 -4.73 3.46
N HIS A 419 10.77 -5.31 3.49
CA HIS A 419 11.63 -5.29 2.31
C HIS A 419 11.18 -6.29 1.26
N PHE A 420 10.69 -7.47 1.66
CA PHE A 420 10.48 -8.55 0.71
C PHE A 420 9.03 -8.87 0.39
N ALA A 421 8.07 -8.46 1.22
CA ALA A 421 6.69 -8.91 1.01
C ALA A 421 6.06 -8.26 -0.21
N ALA A 422 6.21 -6.95 -0.36
CA ALA A 422 5.58 -6.20 -1.44
C ALA A 422 6.67 -5.43 -2.18
N GLY A 423 7.30 -6.10 -3.13
CA GLY A 423 8.31 -5.49 -3.98
C GLY A 423 8.78 -6.47 -5.03
N THR A 424 8.84 -6.03 -6.29
CA THR A 424 9.17 -6.80 -7.47
C THR A 424 8.09 -7.84 -7.78
N SER A 425 7.12 -8.02 -6.88
CA SER A 425 5.95 -8.87 -7.12
C SER A 425 4.71 -8.08 -7.48
N ILE A 426 4.53 -6.90 -6.87
CA ILE A 426 3.43 -6.03 -7.24
C ILE A 426 3.57 -5.60 -8.70
N LEU A 427 4.77 -5.22 -9.10
CA LEU A 427 5.00 -4.81 -10.48
C LEU A 427 4.79 -5.98 -11.44
N PHE A 428 5.24 -7.17 -11.05
CA PHE A 428 5.03 -8.36 -11.88
C PHE A 428 3.54 -8.65 -12.08
N GLY A 429 2.77 -8.60 -10.98
CA GLY A 429 1.34 -8.85 -11.09
C GLY A 429 0.62 -7.80 -11.90
N VAL A 430 0.99 -6.53 -11.72
CA VAL A 430 0.37 -5.46 -12.49
C VAL A 430 0.67 -5.61 -13.97
N LEU A 431 1.92 -5.94 -14.31
CA LEU A 431 2.29 -6.15 -15.70
C LEU A 431 1.53 -7.32 -16.31
N ILE A 432 1.42 -8.43 -15.57
CA ILE A 432 0.71 -9.59 -16.09
C ILE A 432 -0.76 -9.27 -16.32
N GLU A 433 -1.39 -8.57 -15.37
CA GLU A 433 -2.81 -8.25 -15.54
C GLU A 433 -3.02 -7.25 -16.67
N ALA A 434 -2.10 -6.31 -16.84
CA ALA A 434 -2.20 -5.36 -17.95
C ALA A 434 -2.07 -6.07 -19.29
N ILE A 435 -1.12 -7.01 -19.40
CA ILE A 435 -0.97 -7.77 -20.63
C ILE A 435 -2.22 -8.59 -20.91
N GLY A 436 -2.76 -9.23 -19.87
CA GLY A 436 -3.96 -10.03 -20.05
C GLY A 436 -5.16 -9.21 -20.50
N VAL A 437 -5.33 -8.03 -19.93
CA VAL A 437 -6.47 -7.19 -20.29
C VAL A 437 -6.30 -6.61 -21.69
N ALA A 438 -5.09 -6.13 -22.03
CA ALA A 438 -4.91 -5.34 -23.24
C ALA A 438 -4.51 -6.15 -24.46
N TRP A 439 -3.99 -7.36 -24.29
CA TRP A 439 -3.52 -8.14 -25.42
C TRP A 439 -4.32 -9.42 -25.62
N PHE A 440 -4.50 -10.23 -24.58
CA PHE A 440 -5.27 -11.46 -24.71
C PHE A 440 -6.75 -11.15 -24.93
N TYR A 441 -7.28 -10.19 -24.18
CA TYR A 441 -8.70 -9.85 -24.30
C TYR A 441 -8.94 -8.85 -25.42
N GLY A 442 -8.17 -7.78 -25.44
CA GLY A 442 -8.26 -6.77 -26.48
C GLY A 442 -8.73 -5.44 -25.91
N VAL A 443 -8.12 -4.36 -26.39
CA VAL A 443 -8.55 -3.03 -25.97
C VAL A 443 -9.87 -2.66 -26.62
N GLY A 444 -10.16 -3.22 -27.80
CA GLY A 444 -11.45 -2.95 -28.42
C GLY A 444 -12.62 -3.49 -27.63
N GLN A 445 -12.50 -4.73 -27.15
CA GLN A 445 -13.56 -5.31 -26.33
C GLN A 445 -13.70 -4.57 -25.00
N PHE A 446 -12.58 -4.19 -24.40
CA PHE A 446 -12.62 -3.41 -23.16
C PHE A 446 -13.32 -2.06 -23.38
N SER A 447 -13.01 -1.40 -24.49
CA SER A 447 -13.66 -0.13 -24.79
C SER A 447 -15.15 -0.33 -25.04
N ASP A 448 -15.53 -1.42 -25.71
CA ASP A 448 -16.95 -1.69 -25.93
C ASP A 448 -17.67 -1.95 -24.62
N ASP A 449 -17.02 -2.67 -23.70
CA ASP A 449 -17.63 -2.90 -22.38
C ASP A 449 -17.80 -1.60 -21.61
N ILE A 450 -16.80 -0.72 -21.66
CA ILE A 450 -16.90 0.56 -20.98
C ILE A 450 -18.01 1.42 -21.59
N GLN A 451 -18.14 1.40 -22.92
CA GLN A 451 -19.23 2.10 -23.57
C GLN A 451 -20.58 1.48 -23.21
N GLN A 452 -20.62 0.18 -22.92
CA GLN A 452 -21.86 -0.43 -22.47
C GLN A 452 -22.22 0.02 -21.06
N MET A 453 -21.23 0.11 -20.17
CA MET A 453 -21.51 0.56 -18.80
C MET A 453 -21.88 2.05 -18.77
N THR A 454 -20.96 2.91 -19.17
CA THR A 454 -21.17 4.34 -19.20
C THR A 454 -21.84 4.69 -20.53
N GLY A 455 -21.89 5.96 -20.90
CA GLY A 455 -22.44 6.36 -22.17
C GLY A 455 -21.43 6.67 -23.26
N GLN A 456 -20.13 6.61 -22.95
CA GLN A 456 -19.10 7.00 -23.91
C GLN A 456 -17.97 5.96 -23.92
N ARG A 457 -17.29 5.87 -25.05
CA ARG A 457 -16.17 5.00 -25.41
C ARG A 457 -14.84 5.70 -25.19
N PRO A 458 -13.85 5.00 -24.62
CA PRO A 458 -12.53 5.61 -24.42
C PRO A 458 -11.90 6.02 -25.74
N SER A 459 -11.14 7.12 -25.69
CA SER A 459 -10.51 7.68 -26.88
C SER A 459 -9.24 6.90 -27.23
N LEU A 460 -8.54 7.37 -28.26
CA LEU A 460 -7.35 6.68 -28.73
C LEU A 460 -6.20 6.78 -27.72
N TYR A 461 -6.14 7.87 -26.96
CA TYR A 461 -5.06 8.04 -25.99
C TYR A 461 -5.10 6.95 -24.93
N TRP A 462 -6.30 6.66 -24.40
CA TRP A 462 -6.41 5.64 -23.37
C TRP A 462 -6.05 4.26 -23.89
N ARG A 463 -6.51 3.92 -25.09
CA ARG A 463 -6.21 2.61 -25.67
C ARG A 463 -4.71 2.47 -25.95
N LEU A 464 -4.08 3.53 -26.47
CA LEU A 464 -2.64 3.48 -26.71
C LEU A 464 -1.87 3.32 -25.42
N CYS A 465 -2.27 4.04 -24.37
CA CYS A 465 -1.60 3.90 -23.08
C CYS A 465 -1.79 2.51 -22.51
N TRP A 466 -3.00 1.94 -22.64
CA TRP A 466 -3.26 0.60 -22.13
C TRP A 466 -2.44 -0.45 -22.87
N LYS A 467 -2.28 -0.30 -24.18
CA LYS A 467 -1.65 -1.35 -24.96
C LYS A 467 -0.12 -1.24 -24.99
N LEU A 468 0.41 -0.06 -25.34
CA LEU A 468 1.85 0.05 -25.62
C LEU A 468 2.65 0.64 -24.47
N VAL A 469 2.25 1.80 -23.96
CA VAL A 469 3.11 2.53 -23.02
C VAL A 469 3.21 1.82 -21.68
N SER A 470 2.08 1.35 -21.14
CA SER A 470 2.09 0.75 -19.81
C SER A 470 2.91 -0.53 -19.71
N PRO A 471 2.77 -1.52 -20.61
CA PRO A 471 3.59 -2.73 -20.47
C PRO A 471 5.08 -2.48 -20.55
N CYS A 472 5.53 -1.61 -21.47
CA CYS A 472 6.96 -1.33 -21.57
C CYS A 472 7.48 -0.64 -20.32
N PHE A 473 6.73 0.33 -19.79
CA PHE A 473 7.13 1.01 -18.57
C PHE A 473 7.22 0.04 -17.40
N LEU A 474 6.22 -0.85 -17.27
CA LEU A 474 6.23 -1.82 -16.18
C LEU A 474 7.40 -2.79 -16.33
N LEU A 475 7.68 -3.26 -17.55
CA LEU A 475 8.79 -4.18 -17.75
C LEU A 475 10.13 -3.51 -17.42
N PHE A 476 10.31 -2.26 -17.83
CA PHE A 476 11.53 -1.53 -17.49
C PHE A 476 11.67 -1.37 -15.98
N VAL A 477 10.56 -1.07 -15.30
CA VAL A 477 10.60 -0.92 -13.85
C VAL A 477 10.98 -2.23 -13.19
N VAL A 478 10.41 -3.34 -13.66
CA VAL A 478 10.71 -4.65 -13.09
C VAL A 478 12.20 -4.98 -13.28
N VAL A 479 12.72 -4.74 -14.48
CA VAL A 479 14.12 -5.05 -14.75
C VAL A 479 15.04 -4.20 -13.88
N VAL A 480 14.76 -2.90 -13.78
CA VAL A 480 15.60 -2.03 -12.96
C VAL A 480 15.45 -2.33 -11.48
N SER A 481 14.33 -2.91 -11.06
CA SER A 481 14.18 -3.31 -9.67
C SER A 481 14.98 -4.56 -9.36
N ILE A 482 14.99 -5.53 -10.29
CA ILE A 482 15.76 -6.74 -10.07
C ILE A 482 17.25 -6.46 -10.14
N VAL A 483 17.68 -5.63 -11.09
CA VAL A 483 19.12 -5.42 -11.32
C VAL A 483 19.74 -4.68 -10.14
N THR A 484 19.10 -3.60 -9.68
CA THR A 484 19.61 -2.80 -8.57
C THR A 484 18.94 -3.27 -7.28
N PHE A 485 19.54 -4.26 -6.64
CA PHE A 485 19.01 -4.84 -5.42
C PHE A 485 20.08 -4.78 -4.33
N ARG A 486 19.68 -4.32 -3.14
CA ARG A 486 20.56 -4.29 -1.99
C ARG A 486 19.86 -4.95 -0.80
N PRO A 487 20.59 -5.75 -0.02
CA PRO A 487 19.96 -6.42 1.12
C PRO A 487 19.54 -5.43 2.18
N PRO A 488 18.51 -5.75 2.96
CA PRO A 488 18.05 -4.83 4.01
C PRO A 488 18.99 -4.80 5.21
N HIS A 489 18.86 -3.73 5.99
CA HIS A 489 19.65 -3.57 7.20
C HIS A 489 18.87 -2.69 8.18
N TYR A 490 19.24 -2.81 9.45
CA TYR A 490 18.71 -1.95 10.50
C TYR A 490 19.88 -1.45 11.34
N GLY A 491 20.25 -0.18 11.15
CA GLY A 491 21.41 0.35 11.85
C GLY A 491 22.68 -0.32 11.36
N ALA A 492 23.48 -0.81 12.30
CA ALA A 492 24.73 -1.49 11.99
C ALA A 492 24.58 -2.99 11.88
N TYR A 493 23.36 -3.52 11.98
CA TYR A 493 23.14 -4.95 11.91
C TYR A 493 23.17 -5.42 10.46
N ILE A 494 23.80 -6.57 10.23
CA ILE A 494 23.91 -7.18 8.92
C ILE A 494 23.15 -8.50 8.95
N PHE A 495 22.15 -8.63 8.08
CA PHE A 495 21.34 -9.83 8.04
C PHE A 495 22.17 -11.01 7.54
N PRO A 496 21.92 -12.21 8.06
CA PRO A 496 22.62 -13.40 7.55
C PRO A 496 22.09 -13.83 6.21
N ASP A 497 22.76 -14.82 5.61
CA ASP A 497 22.39 -15.27 4.28
C ASP A 497 21.01 -15.92 4.26
N TRP A 498 20.69 -16.72 5.29
CA TRP A 498 19.43 -17.44 5.29
C TRP A 498 18.23 -16.49 5.40
N ALA A 499 18.42 -15.31 5.98
CA ALA A 499 17.34 -14.32 5.99
C ALA A 499 17.02 -13.83 4.58
N ASN A 500 18.06 -13.54 3.79
CA ASN A 500 17.85 -13.17 2.41
C ASN A 500 17.23 -14.31 1.61
N ALA A 501 17.67 -15.54 1.89
CA ALA A 501 17.06 -16.70 1.23
C ALA A 501 15.58 -16.80 1.55
N LEU A 502 15.20 -16.59 2.81
CA LEU A 502 13.80 -16.63 3.19
C LEU A 502 13.00 -15.53 2.52
N GLY A 503 13.57 -14.32 2.43
CA GLY A 503 12.88 -13.24 1.74
C GLY A 503 12.65 -13.55 0.27
N TRP A 504 13.67 -14.09 -0.39
CA TRP A 504 13.52 -14.46 -1.80
C TRP A 504 12.49 -15.59 -1.95
N VAL A 505 12.47 -16.53 -1.01
CA VAL A 505 11.49 -17.61 -1.05
C VAL A 505 10.08 -17.03 -0.94
N ILE A 506 9.87 -16.06 -0.04
CA ILE A 506 8.55 -15.46 0.11
C ILE A 506 8.14 -14.75 -1.17
N ALA A 507 9.05 -13.95 -1.74
CA ALA A 507 8.73 -13.22 -2.96
C ALA A 507 8.40 -14.15 -4.12
N THR A 508 9.22 -15.19 -4.30
CA THR A 508 8.98 -16.13 -5.39
C THR A 508 7.73 -16.97 -5.16
N SER A 509 7.41 -17.29 -3.91
CA SER A 509 6.17 -18.01 -3.62
C SER A 509 4.96 -17.16 -3.98
N SER A 510 5.03 -15.85 -3.69
CA SER A 510 3.96 -14.97 -4.12
C SER A 510 3.86 -14.91 -5.64
N MET A 511 5.00 -14.82 -6.33
CA MET A 511 5.00 -14.61 -7.78
C MET A 511 4.73 -15.88 -8.58
N ALA A 512 4.91 -17.06 -7.99
CA ALA A 512 4.85 -18.31 -8.74
C ALA A 512 3.45 -18.91 -8.83
N MET A 513 2.41 -18.10 -8.61
CA MET A 513 1.06 -18.60 -8.77
C MET A 513 0.64 -18.71 -10.23
N VAL A 514 1.16 -17.83 -11.09
CA VAL A 514 0.75 -17.84 -12.49
C VAL A 514 1.18 -19.11 -13.22
N PRO A 515 2.46 -19.54 -13.18
CA PRO A 515 2.83 -20.73 -13.94
C PRO A 515 2.16 -22.00 -13.45
N ILE A 516 2.02 -22.17 -12.12
CA ILE A 516 1.44 -23.39 -11.59
C ILE A 516 -0.03 -23.52 -12.00
N TYR A 517 -0.80 -22.43 -11.85
CA TYR A 517 -2.19 -22.48 -12.26
C TYR A 517 -2.32 -22.62 -13.77
N ALA A 518 -1.43 -21.98 -14.54
CA ALA A 518 -1.49 -22.15 -15.99
C ALA A 518 -1.27 -23.60 -16.39
N ALA A 519 -0.28 -24.26 -15.79
CA ALA A 519 -0.02 -25.66 -16.10
C ALA A 519 -1.20 -26.54 -15.69
N TYR A 520 -1.77 -26.30 -14.50
CA TYR A 520 -2.90 -27.09 -14.06
C TYR A 520 -4.09 -26.91 -14.99
N LYS A 521 -4.38 -25.67 -15.38
CA LYS A 521 -5.50 -25.39 -16.27
C LYS A 521 -5.31 -26.07 -17.62
N PHE A 522 -4.10 -25.97 -18.18
CA PHE A 522 -3.84 -26.59 -19.48
C PHE A 522 -3.96 -28.11 -19.40
N CYS A 523 -3.48 -28.71 -18.31
CA CYS A 523 -3.52 -30.17 -18.20
C CYS A 523 -4.92 -30.68 -17.90
N SER A 524 -5.76 -29.88 -17.24
CA SER A 524 -7.10 -30.34 -16.86
C SER A 524 -8.06 -30.41 -18.04
N LEU A 525 -7.94 -29.49 -19.00
CA LEU A 525 -8.90 -29.42 -20.10
C LEU A 525 -8.77 -30.64 -21.01
N PRO A 526 -9.86 -31.05 -21.64
CA PRO A 526 -9.83 -32.22 -22.52
C PRO A 526 -9.53 -31.85 -23.96
N GLY A 527 -9.30 -32.89 -24.76
CA GLY A 527 -9.04 -32.73 -26.17
C GLY A 527 -7.56 -32.73 -26.51
N SER A 528 -7.27 -32.20 -27.70
CA SER A 528 -5.89 -32.13 -28.19
C SER A 528 -5.28 -30.79 -27.80
N PHE A 529 -4.13 -30.48 -28.40
CA PHE A 529 -3.44 -29.21 -28.11
C PHE A 529 -4.29 -28.02 -28.54
N ARG A 530 -4.87 -28.10 -29.75
CA ARG A 530 -5.58 -26.95 -30.30
C ARG A 530 -6.84 -26.64 -29.50
N GLU A 531 -7.62 -27.67 -29.15
CA GLU A 531 -8.84 -27.45 -28.38
C GLU A 531 -8.52 -26.96 -26.98
N LYS A 532 -7.48 -27.52 -26.35
CA LYS A 532 -7.05 -27.04 -25.03
C LYS A 532 -6.69 -25.57 -25.08
N LEU A 533 -5.89 -25.18 -26.08
CA LEU A 533 -5.50 -23.77 -26.20
C LEU A 533 -6.70 -22.88 -26.45
N ALA A 534 -7.62 -23.31 -27.32
CA ALA A 534 -8.78 -22.50 -27.65
C ALA A 534 -9.66 -22.27 -26.43
N TYR A 535 -9.89 -23.31 -25.64
CA TYR A 535 -10.68 -23.15 -24.43
C TYR A 535 -9.92 -22.45 -23.31
N ALA A 536 -8.59 -22.44 -23.38
CA ALA A 536 -7.81 -21.82 -22.31
C ALA A 536 -7.63 -20.32 -22.49
N ILE A 537 -7.50 -19.84 -23.74
CA ILE A 537 -7.24 -18.42 -23.96
C ILE A 537 -8.47 -17.65 -24.41
N ALA A 538 -9.61 -18.32 -24.59
CA ALA A 538 -10.76 -17.55 -25.06
C ALA A 538 -11.68 -17.18 -23.90
N PRO A 539 -12.36 -16.04 -23.97
CA PRO A 539 -13.28 -15.65 -22.91
C PRO A 539 -14.43 -16.64 -22.78
N GLU A 540 -14.93 -16.78 -21.54
CA GLU A 540 -16.01 -17.72 -21.27
C GLU A 540 -17.32 -17.30 -21.94
N LYS A 541 -17.47 -16.02 -22.28
CA LYS A 541 -18.67 -15.56 -22.98
C LYS A 541 -18.66 -15.90 -24.45
N ASP A 542 -17.51 -16.32 -25.00
CA ASP A 542 -17.39 -16.68 -26.41
C ASP A 542 -17.38 -18.19 -26.62
N ARG A 543 -18.00 -18.94 -25.70
CA ARG A 543 -17.96 -20.40 -25.78
C ARG A 543 -18.66 -20.94 -27.01
N GLU A 544 -19.76 -20.31 -27.43
CA GLU A 544 -20.49 -20.78 -28.60
C GLU A 544 -19.64 -20.64 -29.86
N LEU A 545 -18.97 -19.50 -30.03
CA LEU A 545 -18.11 -19.32 -31.20
C LEU A 545 -16.93 -20.28 -31.17
N VAL A 546 -16.36 -20.52 -29.99
CA VAL A 546 -15.25 -21.46 -29.87
C VAL A 546 -15.71 -22.86 -30.24
N ASP A 547 -16.89 -23.26 -29.78
CA ASP A 547 -17.43 -24.57 -30.14
C ASP A 547 -17.68 -24.67 -31.64
N ARG A 548 -18.19 -23.59 -32.26
CA ARG A 548 -18.42 -23.59 -33.69
C ARG A 548 -17.12 -23.66 -34.50
N GLY A 549 -16.00 -23.22 -33.93
CA GLY A 549 -14.72 -23.31 -34.58
C GLY A 549 -14.05 -22.01 -34.94
N GLU A 550 -14.60 -20.87 -34.54
CA GLU A 550 -14.03 -19.56 -34.83
C GLU A 550 -13.50 -18.96 -33.54
N VAL A 551 -12.19 -18.69 -33.50
CA VAL A 551 -11.53 -18.12 -32.33
C VAL A 551 -10.88 -16.81 -32.74
N ARG A 552 -11.15 -15.75 -31.97
CA ARG A 552 -10.56 -14.45 -32.28
C ARG A 552 -9.05 -14.46 -32.10
N GLN A 553 -8.56 -15.13 -31.07
CA GLN A 553 -7.14 -15.10 -30.75
C GLN A 553 -6.29 -15.85 -31.78
N PHE A 554 -6.90 -16.70 -32.59
CA PHE A 554 -6.14 -17.47 -33.59
C PHE A 554 -6.07 -16.73 -34.92
N THR A 555 -5.71 -15.45 -34.87
CA THR A 555 -5.60 -14.62 -36.07
C THR A 555 -4.50 -13.59 -35.85
N LEU A 556 -3.94 -13.11 -36.95
CA LEU A 556 -2.93 -12.07 -36.87
C LEU A 556 -3.54 -10.69 -36.60
N ARG A 557 -4.72 -10.42 -37.14
CA ARG A 557 -5.31 -9.09 -37.04
C ARG A 557 -5.83 -8.78 -35.65
N HIS A 558 -6.02 -9.78 -34.79
CA HIS A 558 -6.49 -9.50 -33.44
C HIS A 558 -5.39 -8.89 -32.59
N TRP A 559 -4.14 -9.34 -32.77
CA TRP A 559 -3.04 -8.87 -31.94
C TRP A 559 -2.46 -7.55 -32.41
N LEU A 560 -2.75 -7.12 -33.64
CA LEU A 560 -2.25 -5.86 -34.19
C LEU A 560 -3.33 -4.80 -34.26
N LYS A 561 -4.31 -4.85 -33.36
CA LYS A 561 -5.44 -3.94 -33.36
C LYS A 561 -5.39 -3.06 -32.12
N VAL A 562 -5.47 -1.75 -32.32
CA VAL A 562 -5.49 -0.80 -31.21
C VAL A 562 -6.89 -0.20 -31.10
#